data_2LPS
#
_entry.id   2LPS
#
_entity_poly.entity_id   1
_entity_poly.type   'polyribonucleotide'
_entity_poly.pdbx_seq_one_letter_code
;GAGCCGUAUGCGAUGAAAGUCGCACGUACGGUUC
;
_entity_poly.pdbx_strand_id   A
#